data_7OKE
#
_entry.id   7OKE
#
_cell.length_a   67.125
_cell.length_b   67.125
_cell.length_c   164.890
_cell.angle_alpha   90.000
_cell.angle_beta   90.000
_cell.angle_gamma   120.000
#
_symmetry.space_group_name_H-M   'P 61 2 2'
#
loop_
_entity.id
_entity.type
_entity.pdbx_description
1 polymer 'B-cell lymphoma 6 protein'
2 polymer ALA-TRP-VAL-ILE-PRO-ALA
3 non-polymer 2-chloranyl-4-[(1-methyl-2-oxidanylidene-quinolin-6-yl)amino]pyridine-3-carbonitrile
4 non-polymer 1,2-ETHANEDIOL
5 non-polymer 'CHLORIDE ION'
6 non-polymer 'DIMETHYL SULFOXIDE'
7 water water
#
loop_
_entity_poly.entity_id
_entity_poly.type
_entity_poly.pdbx_seq_one_letter_code
_entity_poly.pdbx_strand_id
1 'polypeptide(L)'
;GPGADSCIQFTRHASDVLLNLNRLRSRDILTDVVIVVSREQFRAHKTVLMACSGLFYSIFTDQLKCNLSVINLDPEINPE
GFCILLDFMYTSRLNLREGNIMAVMATAMYLQMEHVVDTCRKFIKASE
;
A
2 'polypeptide(L)' AWVIPA B
#
# COMPACT_ATOMS: atom_id res chain seq x y z
N ALA A 4 -14.71 12.98 -23.02
CA ALA A 4 -14.62 14.31 -23.63
C ALA A 4 -13.50 15.16 -23.03
N ASP A 5 -12.97 16.10 -23.82
CA ASP A 5 -11.91 17.03 -23.42
C ASP A 5 -12.47 18.28 -22.71
N SER A 6 -13.82 18.34 -22.54
CA SER A 6 -14.54 19.44 -21.91
C SER A 6 -14.89 19.20 -20.41
N CYS A 7 -14.26 18.19 -19.76
CA CYS A 7 -14.52 17.84 -18.37
CA CYS A 7 -14.57 17.89 -18.38
C CYS A 7 -14.07 18.94 -17.38
N ILE A 8 -14.71 18.99 -16.19
CA ILE A 8 -14.26 19.78 -15.03
C ILE A 8 -13.71 18.69 -14.06
N GLN A 9 -12.86 19.07 -13.09
CA GLN A 9 -12.25 18.08 -12.21
C GLN A 9 -12.38 18.52 -10.75
N PHE A 10 -12.67 17.56 -9.84
CA PHE A 10 -12.77 17.92 -8.42
C PHE A 10 -11.40 17.54 -7.85
N THR A 11 -10.63 18.56 -7.50
N THR A 11 -10.58 18.54 -7.51
CA THR A 11 -9.26 18.39 -7.05
CA THR A 11 -9.20 18.37 -7.05
C THR A 11 -9.10 17.34 -5.94
C THR A 11 -8.99 17.45 -5.84
N ARG A 12 -9.95 17.42 -4.91
CA ARG A 12 -9.83 16.53 -3.73
C ARG A 12 -10.39 15.13 -3.91
N HIS A 13 -11.01 14.83 -5.08
CA HIS A 13 -11.68 13.55 -5.25
C HIS A 13 -10.78 12.35 -4.96
N ALA A 14 -9.58 12.28 -5.60
CA ALA A 14 -8.75 11.06 -5.39
C ALA A 14 -8.38 10.88 -3.93
N SER A 15 -7.98 11.96 -3.23
N SER A 15 -8.02 11.99 -3.25
N SER A 15 -8.01 11.98 -3.24
CA SER A 15 -7.63 11.81 -1.82
CA SER A 15 -7.65 11.96 -1.83
CA SER A 15 -7.63 11.94 -1.83
C SER A 15 -8.86 11.42 -0.99
C SER A 15 -8.82 11.54 -0.96
C SER A 15 -8.82 11.54 -0.96
N ASP A 16 -10.04 11.99 -1.31
CA ASP A 16 -11.27 11.64 -0.57
C ASP A 16 -11.58 10.15 -0.76
N VAL A 17 -11.41 9.63 -2.00
CA VAL A 17 -11.66 8.20 -2.25
C VAL A 17 -10.71 7.37 -1.38
N LEU A 18 -9.42 7.74 -1.39
CA LEU A 18 -8.45 6.95 -0.63
C LEU A 18 -8.79 6.98 0.86
N LEU A 19 -9.18 8.18 1.38
CA LEU A 19 -9.54 8.27 2.80
CA LEU A 19 -9.57 8.30 2.80
C LEU A 19 -10.72 7.33 3.10
N ASN A 20 -11.73 7.30 2.19
CA ASN A 20 -12.87 6.44 2.41
C ASN A 20 -12.50 4.96 2.29
N LEU A 21 -11.56 4.63 1.39
CA LEU A 21 -11.11 3.20 1.33
C LEU A 21 -10.40 2.81 2.62
N ASN A 22 -9.60 3.74 3.21
CA ASN A 22 -8.93 3.42 4.46
C ASN A 22 -9.97 3.26 5.60
N ARG A 23 -11.04 4.09 5.55
CA ARG A 23 -12.11 3.96 6.57
C ARG A 23 -12.79 2.59 6.43
N LEU A 24 -13.00 2.11 5.18
CA LEU A 24 -13.57 0.76 5.01
C LEU A 24 -12.61 -0.27 5.60
N ARG A 25 -11.29 -0.10 5.34
CA ARG A 25 -10.32 -1.06 5.89
C ARG A 25 -10.38 -1.06 7.44
N SER A 26 -10.37 0.13 8.08
N SER A 26 -10.41 0.14 8.07
N SER A 26 -10.41 0.13 8.07
CA SER A 26 -10.40 0.26 9.55
CA SER A 26 -10.47 0.33 9.53
CA SER A 26 -10.45 0.26 9.54
C SER A 26 -11.67 -0.36 10.17
C SER A 26 -11.67 -0.39 10.15
C SER A 26 -11.63 -0.50 10.15
N ARG A 27 -12.76 -0.38 9.40
N ARG A 27 -12.82 -0.36 9.45
CA ARG A 27 -14.05 -0.93 9.83
CA ARG A 27 -14.07 -0.98 9.92
C ARG A 27 -14.23 -2.37 9.35
C ARG A 27 -14.20 -2.42 9.40
N ASP A 28 -13.23 -2.89 8.60
CA ASP A 28 -13.23 -4.25 8.04
C ASP A 28 -14.42 -4.47 7.09
N ILE A 29 -14.76 -3.43 6.32
CA ILE A 29 -15.87 -3.50 5.39
C ILE A 29 -15.37 -3.92 4.01
N LEU A 30 -15.90 -5.05 3.51
N LEU A 30 -15.92 -5.02 3.48
CA LEU A 30 -15.64 -5.64 2.19
CA LEU A 30 -15.62 -5.54 2.13
C LEU A 30 -14.17 -5.97 1.94
C LEU A 30 -14.15 -5.95 1.93
N THR A 31 -13.38 -6.14 3.02
CA THR A 31 -11.99 -6.62 2.88
C THR A 31 -12.14 -8.06 2.35
N ASP A 32 -11.27 -8.45 1.42
CA ASP A 32 -11.43 -9.73 0.73
C ASP A 32 -10.15 -10.57 0.70
N VAL A 33 -9.12 -10.14 1.46
CA VAL A 33 -7.91 -10.96 1.50
C VAL A 33 -7.24 -10.71 2.85
N VAL A 34 -6.53 -11.74 3.33
CA VAL A 34 -5.70 -11.58 4.52
C VAL A 34 -4.28 -11.83 4.01
N ILE A 35 -3.36 -10.90 4.27
CA ILE A 35 -1.94 -11.07 3.93
C ILE A 35 -1.26 -11.51 5.20
N VAL A 36 -0.55 -12.66 5.14
CA VAL A 36 0.10 -13.19 6.32
C VAL A 36 1.60 -12.95 6.19
N VAL A 37 2.21 -12.35 7.24
CA VAL A 37 3.62 -12.00 7.23
C VAL A 37 4.18 -12.57 8.53
N SER A 38 4.70 -13.78 8.43
N SER A 38 4.76 -13.75 8.46
CA SER A 38 5.19 -14.50 9.59
CA SER A 38 5.36 -14.39 9.63
C SER A 38 4.00 -14.70 10.52
C SER A 38 4.39 -14.45 10.79
N ARG A 39 4.12 -14.28 11.76
N ARG A 39 3.19 -14.94 10.51
CA ARG A 39 2.99 -14.49 12.67
CA ARG A 39 2.10 -15.10 11.49
C ARG A 39 1.82 -13.50 12.52
C ARG A 39 1.41 -13.81 11.98
N GLU A 40 2.01 -12.44 11.75
N GLU A 40 1.72 -12.70 11.35
CA GLU A 40 1.00 -11.39 11.63
CA GLU A 40 1.02 -11.44 11.59
C GLU A 40 0.05 -11.46 10.43
C GLU A 40 0.06 -11.39 10.39
N GLN A 41 -1.20 -11.07 10.67
CA GLN A 41 -2.21 -11.07 9.61
C GLN A 41 -2.70 -9.65 9.36
N PHE A 42 -2.89 -9.30 8.08
CA PHE A 42 -3.37 -7.96 7.72
C PHE A 42 -4.54 -8.11 6.76
N ARG A 43 -5.71 -7.55 7.10
CA ARG A 43 -6.85 -7.62 6.21
C ARG A 43 -6.80 -6.43 5.26
N ALA A 44 -7.16 -6.67 3.99
CA ALA A 44 -7.07 -5.57 3.02
C ALA A 44 -8.04 -5.84 1.85
N HIS A 45 -8.05 -4.90 0.88
CA HIS A 45 -8.85 -5.05 -0.32
C HIS A 45 -7.88 -5.35 -1.46
N LYS A 46 -8.12 -6.45 -2.19
CA LYS A 46 -7.22 -6.82 -3.28
C LYS A 46 -7.02 -5.67 -4.29
N THR A 47 -8.10 -4.94 -4.63
CA THR A 47 -7.93 -3.87 -5.63
C THR A 47 -6.98 -2.80 -5.17
N VAL A 48 -7.00 -2.45 -3.87
CA VAL A 48 -6.08 -1.41 -3.40
C VAL A 48 -4.63 -1.95 -3.46
N LEU A 49 -4.45 -3.21 -3.03
CA LEU A 49 -3.10 -3.79 -3.08
C LEU A 49 -2.56 -3.78 -4.51
N MET A 50 -3.38 -4.20 -5.49
CA MET A 50 -2.99 -4.25 -6.90
C MET A 50 -2.69 -2.87 -7.43
N ALA A 51 -3.43 -1.85 -6.97
CA ALA A 51 -3.25 -0.48 -7.45
C ALA A 51 -1.96 0.15 -6.93
N CYS A 52 -1.34 -0.46 -5.89
CA CYS A 52 -0.14 0.11 -5.26
C CYS A 52 1.11 -0.69 -5.46
N SER A 53 1.00 -1.98 -5.80
CA SER A 53 2.16 -2.86 -5.75
C SER A 53 2.26 -3.72 -7.00
N GLY A 54 3.44 -3.76 -7.63
CA GLY A 54 3.59 -4.63 -8.78
C GLY A 54 3.47 -6.10 -8.42
N LEU A 55 3.92 -6.47 -7.20
CA LEU A 55 3.81 -7.88 -6.79
C LEU A 55 2.32 -8.26 -6.63
N PHE A 56 1.54 -7.43 -5.92
CA PHE A 56 0.12 -7.79 -5.78
C PHE A 56 -0.64 -7.73 -7.09
N TYR A 57 -0.22 -6.81 -8.01
CA TYR A 57 -0.87 -6.76 -9.33
C TYR A 57 -0.65 -8.11 -10.03
N SER A 58 0.60 -8.62 -10.00
N SER A 58 0.61 -8.64 -9.98
CA SER A 58 0.87 -9.92 -10.62
CA SER A 58 1.00 -9.93 -10.56
C SER A 58 0.09 -11.03 -9.92
C SER A 58 0.26 -11.10 -9.90
N ILE A 59 0.08 -11.04 -8.57
CA ILE A 59 -0.64 -12.08 -7.81
C ILE A 59 -2.12 -12.12 -8.15
N PHE A 60 -2.80 -10.98 -8.06
CA PHE A 60 -4.25 -11.01 -8.21
C PHE A 60 -4.74 -10.98 -9.66
N THR A 61 -3.83 -10.91 -10.65
CA THR A 61 -4.22 -11.07 -12.06
C THR A 61 -3.95 -12.51 -12.50
N ASP A 62 -3.33 -13.32 -11.62
CA ASP A 62 -3.10 -14.74 -11.95
C ASP A 62 -4.45 -15.46 -11.86
N GLN A 63 -4.76 -16.31 -12.84
CA GLN A 63 -6.06 -17.00 -12.90
C GLN A 63 -6.36 -17.93 -11.72
N LEU A 64 -5.33 -18.43 -10.98
CA LEU A 64 -5.58 -19.23 -9.79
C LEU A 64 -5.49 -18.38 -8.53
N LYS A 65 -4.44 -17.54 -8.40
CA LYS A 65 -4.24 -16.78 -7.15
C LYS A 65 -5.27 -15.68 -6.94
N CYS A 66 -5.93 -15.20 -8.01
CA CYS A 66 -6.97 -14.17 -7.89
C CYS A 66 -8.10 -14.61 -6.95
N ASN A 67 -8.29 -15.93 -6.80
CA ASN A 67 -9.36 -16.51 -6.00
C ASN A 67 -8.97 -16.82 -4.56
N LEU A 68 -7.68 -16.66 -4.20
CA LEU A 68 -7.26 -16.97 -2.85
C LEU A 68 -7.68 -15.91 -1.87
N SER A 69 -8.07 -16.33 -0.66
CA SER A 69 -8.51 -15.43 0.39
CA SER A 69 -8.49 -15.37 0.36
C SER A 69 -7.37 -15.12 1.37
N VAL A 70 -6.27 -15.86 1.26
CA VAL A 70 -5.10 -15.73 2.13
C VAL A 70 -3.88 -15.75 1.23
N ILE A 71 -2.94 -14.80 1.43
CA ILE A 71 -1.67 -14.82 0.68
C ILE A 71 -0.58 -14.78 1.74
N ASN A 72 0.37 -15.75 1.69
CA ASN A 72 1.49 -15.78 2.62
C ASN A 72 2.71 -15.15 1.97
N LEU A 73 3.28 -14.11 2.59
CA LEU A 73 4.50 -13.50 2.05
C LEU A 73 5.73 -14.29 2.50
N ASP A 74 6.85 -14.06 1.82
CA ASP A 74 8.15 -14.69 2.12
C ASP A 74 8.47 -14.45 3.63
N PRO A 75 8.90 -15.50 4.36
CA PRO A 75 9.20 -15.32 5.80
C PRO A 75 10.31 -14.31 6.14
N GLU A 76 11.09 -13.89 5.13
CA GLU A 76 12.13 -12.86 5.37
C GLU A 76 11.50 -11.47 5.48
N ILE A 77 10.21 -11.30 5.09
CA ILE A 77 9.58 -9.98 5.13
C ILE A 77 9.21 -9.62 6.55
N ASN A 78 9.61 -8.41 6.94
CA ASN A 78 9.36 -7.86 8.27
C ASN A 78 7.91 -7.39 8.41
N PRO A 79 7.14 -7.89 9.39
CA PRO A 79 5.73 -7.47 9.53
C PRO A 79 5.56 -5.97 9.74
N GLU A 80 6.43 -5.35 10.56
CA GLU A 80 6.30 -3.90 10.75
C GLU A 80 6.52 -3.15 9.43
N GLY A 81 7.54 -3.59 8.66
CA GLY A 81 7.82 -3.01 7.34
C GLY A 81 6.59 -3.13 6.44
N PHE A 82 5.93 -4.31 6.48
CA PHE A 82 4.73 -4.51 5.66
C PHE A 82 3.62 -3.60 6.16
N CYS A 83 3.42 -3.52 7.49
CA CYS A 83 2.37 -2.67 8.08
C CYS A 83 2.54 -1.20 7.63
N ILE A 84 3.79 -0.73 7.65
CA ILE A 84 4.08 0.65 7.23
C ILE A 84 3.72 0.86 5.77
N LEU A 85 4.07 -0.12 4.93
CA LEU A 85 3.76 0.00 3.51
C LEU A 85 2.26 -0.13 3.23
N LEU A 86 1.56 -0.98 3.98
CA LEU A 86 0.09 -1.10 3.83
C LEU A 86 -0.56 0.23 4.22
N ASP A 87 -0.11 0.85 5.31
CA ASP A 87 -0.66 2.16 5.68
C ASP A 87 -0.36 3.20 4.58
N PHE A 88 0.85 3.16 4.01
CA PHE A 88 1.18 4.09 2.91
C PHE A 88 0.19 3.86 1.72
N MET A 89 -0.05 2.57 1.39
CA MET A 89 -0.99 2.30 0.28
C MET A 89 -2.33 3.01 0.47
N TYR A 90 -2.84 2.98 1.70
CA TYR A 90 -4.18 3.49 1.99
C TYR A 90 -4.20 4.94 2.40
N THR A 91 -3.02 5.61 2.54
CA THR A 91 -3.05 7.01 3.01
C THR A 91 -2.12 7.98 2.30
N SER A 92 -1.17 7.47 1.50
N SER A 92 -1.13 7.45 1.55
CA SER A 92 -0.11 8.26 0.82
CA SER A 92 -0.04 8.18 0.88
C SER A 92 0.99 8.69 1.78
C SER A 92 1.07 8.57 1.87
N ARG A 93 0.90 8.28 3.05
N ARG A 93 0.85 8.32 3.18
CA ARG A 93 1.88 8.70 4.07
CA ARG A 93 1.79 8.68 4.25
C ARG A 93 2.73 7.53 4.51
C ARG A 93 2.71 7.50 4.58
N LEU A 94 4.04 7.73 4.51
CA LEU A 94 5.04 6.71 4.81
C LEU A 94 5.75 7.06 6.11
N ASN A 95 5.59 6.21 7.14
CA ASN A 95 6.21 6.46 8.44
C ASN A 95 7.65 5.94 8.40
N LEU A 96 8.54 6.69 7.74
CA LEU A 96 9.92 6.28 7.55
C LEU A 96 10.78 6.82 8.70
N ARG A 97 11.49 5.91 9.40
CA ARG A 97 12.30 6.26 10.56
C ARG A 97 13.65 5.56 10.47
N GLU A 98 14.66 6.06 11.21
N GLU A 98 14.66 6.05 11.22
CA GLU A 98 15.97 5.41 11.20
CA GLU A 98 15.99 5.43 11.23
C GLU A 98 15.86 3.92 11.55
C GLU A 98 15.90 3.93 11.58
N GLY A 99 15.04 3.61 12.55
CA GLY A 99 14.85 2.25 13.06
C GLY A 99 14.12 1.31 12.11
N ASN A 100 13.40 1.85 11.11
CA ASN A 100 12.66 0.98 10.21
C ASN A 100 13.04 1.06 8.73
N ILE A 101 13.90 2.01 8.34
CA ILE A 101 14.16 2.26 6.92
C ILE A 101 14.69 1.03 6.15
N MET A 102 15.61 0.26 6.75
CA MET A 102 16.10 -0.90 6.01
C MET A 102 14.98 -1.91 5.78
N ALA A 103 14.12 -2.15 6.80
CA ALA A 103 12.99 -3.10 6.64
C ALA A 103 11.97 -2.55 5.63
N VAL A 104 11.68 -1.24 5.69
CA VAL A 104 10.72 -0.65 4.74
C VAL A 104 11.28 -0.77 3.31
N MET A 105 12.57 -0.44 3.11
CA MET A 105 13.13 -0.53 1.77
C MET A 105 13.08 -1.97 1.24
N ALA A 106 13.50 -2.95 2.05
CA ALA A 106 13.52 -4.36 1.61
C ALA A 106 12.09 -4.81 1.26
N THR A 107 11.10 -4.36 2.06
CA THR A 107 9.71 -4.76 1.81
C THR A 107 9.20 -4.11 0.51
N ALA A 108 9.58 -2.82 0.29
CA ALA A 108 9.11 -2.11 -0.91
C ALA A 108 9.75 -2.73 -2.17
N MET A 109 11.00 -3.20 -2.07
CA MET A 109 11.64 -3.87 -3.21
C MET A 109 10.86 -5.14 -3.54
N TYR A 110 10.53 -5.93 -2.51
CA TYR A 110 9.78 -7.18 -2.67
C TYR A 110 8.37 -6.89 -3.24
N LEU A 111 7.71 -5.87 -2.73
CA LEU A 111 6.37 -5.52 -3.18
C LEU A 111 6.34 -4.79 -4.50
N GLN A 112 7.51 -4.44 -5.01
CA GLN A 112 7.66 -3.68 -6.25
C GLN A 112 6.95 -2.31 -6.17
N MET A 113 7.38 -1.51 -5.22
CA MET A 113 6.86 -0.16 -5.01
C MET A 113 8.08 0.76 -5.17
N GLU A 114 8.38 1.11 -6.42
CA GLU A 114 9.57 1.88 -6.84
C GLU A 114 9.74 3.24 -6.19
N HIS A 115 8.64 4.01 -6.07
CA HIS A 115 8.71 5.35 -5.45
C HIS A 115 9.17 5.28 -3.99
N VAL A 116 8.69 4.25 -3.24
CA VAL A 116 9.12 4.09 -1.85
C VAL A 116 10.59 3.66 -1.84
N VAL A 117 10.99 2.72 -2.74
CA VAL A 117 12.38 2.30 -2.79
C VAL A 117 13.29 3.52 -3.04
N ASP A 118 12.85 4.41 -3.96
N ASP A 118 12.98 4.33 -4.08
CA ASP A 118 13.57 5.65 -4.29
CA ASP A 118 13.78 5.50 -4.46
C ASP A 118 13.81 6.54 -3.07
C ASP A 118 14.00 6.51 -3.34
N THR A 119 12.74 6.92 -2.33
N THR A 119 12.99 6.69 -2.47
CA THR A 119 12.92 7.79 -1.15
CA THR A 119 13.07 7.62 -1.35
C THR A 119 13.75 7.12 -0.04
C THR A 119 13.91 7.06 -0.25
N CYS A 120 13.73 5.77 0.02
CA CYS A 120 14.50 5.09 1.05
C CYS A 120 15.97 5.19 0.67
N ARG A 121 16.27 5.02 -0.62
CA ARG A 121 17.65 5.11 -1.07
C ARG A 121 18.19 6.51 -0.82
N LYS A 122 17.37 7.52 -1.08
CA LYS A 122 17.78 8.90 -0.87
C LYS A 122 18.05 9.20 0.60
N PHE A 123 17.19 8.73 1.49
CA PHE A 123 17.41 8.97 2.92
C PHE A 123 18.64 8.24 3.42
N ILE A 124 18.89 7.01 2.93
CA ILE A 124 20.09 6.26 3.33
C ILE A 124 21.34 6.98 2.84
N LYS A 125 21.35 7.40 1.56
CA LYS A 125 22.51 8.10 0.96
C LYS A 125 22.85 9.39 1.70
N ALA A 126 21.82 10.12 2.17
CA ALA A 126 22.01 11.38 2.92
C ALA A 126 22.72 11.20 4.28
N SER A 127 22.57 10.00 4.90
N SER A 127 22.60 10.01 4.91
CA SER A 127 23.16 9.63 6.19
CA SER A 127 23.24 9.74 6.19
C SER A 127 24.57 8.99 6.05
C SER A 127 24.70 9.30 6.00
N GLU A 128 25.03 8.78 4.80
CA GLU A 128 26.36 8.24 4.47
C GLU A 128 27.41 9.32 4.23
CA ALA B 1 -12.94 22.73 -5.35
C ALA B 1 -12.90 22.10 -6.76
N TRP B 2 -13.59 22.70 -7.71
CA TRP B 2 -13.65 22.25 -9.10
C TRP B 2 -12.73 23.12 -9.93
N VAL B 3 -12.07 22.50 -10.92
CA VAL B 3 -11.13 23.22 -11.79
C VAL B 3 -11.21 22.74 -13.24
N ILE B 4 -10.53 23.48 -14.15
CA ILE B 4 -10.36 23.02 -15.52
C ILE B 4 -9.08 22.18 -15.49
N PRO B 5 -9.15 20.86 -15.70
CA PRO B 5 -7.92 20.05 -15.58
C PRO B 5 -6.92 20.28 -16.70
N ALA B 6 -5.61 20.14 -16.40
#